data_7ZRN
#
_entry.id   7ZRN
#
_cell.length_a   74.315
_cell.length_b   89.644
_cell.length_c   100.563
_cell.angle_alpha   90.000
_cell.angle_beta   90.000
_cell.angle_gamma   90.000
#
_symmetry.space_group_name_H-M   'P 21 21 21'
#
loop_
_entity.id
_entity.type
_entity.pdbx_description
1 polymer '10-epi-cubebol synthase'
2 non-polymer PYROPHOSPHATE
3 non-polymer 'MAGNESIUM ION'
4 non-polymer 'ACETATE ION'
5 water water
#
_entity_poly.entity_id   1
_entity_poly.type   'polypeptide(L)'
_entity_poly.pdbx_seq_one_letter_code
;MKHHHHHHPMSDYDIPTTENLYFQGAMAMHRALLCPFPATTPHPQAAQLANDCLEWTRKCGLLPDESPRTLDKVRSYSAL
AAHCYPDAHFERLRAICDYYSWLFFFDDVCENTSLNGAEPKVVSSLLFDVYGVLRGPTAAVGHAPFAQALADIWRRIGDG
CPGFWRRRLIRHVENYIDGCVWEAQNRQLDRVPSRAVFEGMRMHTSTMYEFWDFIEYAGDLFLPDEVVEHPLVAEVRRAG
NAIASFANDIYSLRKETSNRDVHNLVVVLMHEERIELEAAYARAAGIHDAQVEHFLDLVKHLPTFSATIDRNLARYVEGI
RIWIRANHDWSIVTPRYNEPDAR
;
_entity_poly.pdbx_strand_id   A,B
#
# COMPACT_ATOMS: atom_id res chain seq x y z
N ALA A 32 10.01 -19.44 17.41
CA ALA A 32 10.19 -19.28 15.97
C ALA A 32 10.10 -17.81 15.55
N LEU A 33 8.89 -17.24 15.53
CA LEU A 33 8.75 -15.84 15.18
C LEU A 33 9.23 -14.95 16.33
N LEU A 34 9.89 -13.85 15.96
CA LEU A 34 10.41 -12.92 16.95
C LEU A 34 9.25 -12.20 17.63
N CYS A 35 9.27 -12.22 18.97
N CYS A 35 9.09 -12.39 18.93
CA CYS A 35 8.19 -11.68 19.79
CA CYS A 35 8.14 -11.57 19.70
C CYS A 35 8.85 -11.00 21.00
C CYS A 35 8.87 -11.01 20.92
N PRO A 36 9.36 -9.77 20.82
CA PRO A 36 10.10 -9.13 21.91
C PRO A 36 9.26 -8.32 22.89
N PHE A 37 7.94 -8.47 22.88
CA PHE A 37 7.08 -7.68 23.75
C PHE A 37 6.51 -8.56 24.85
N PRO A 38 6.87 -8.31 26.11
CA PRO A 38 6.34 -9.15 27.20
C PRO A 38 4.82 -9.12 27.23
N ALA A 39 4.25 -10.22 27.72
CA ALA A 39 2.81 -10.34 27.87
C ALA A 39 2.31 -9.50 29.05
N THR A 40 0.99 -9.32 29.05
CA THR A 40 0.27 -8.53 30.04
C THR A 40 -0.91 -9.35 30.52
N THR A 41 -1.28 -9.20 31.79
CA THR A 41 -2.48 -9.87 32.25
C THR A 41 -3.70 -9.31 31.50
N PRO A 42 -4.70 -10.13 31.24
CA PRO A 42 -5.88 -9.64 30.51
C PRO A 42 -6.78 -8.84 31.43
N HIS A 43 -7.79 -8.22 30.82
CA HIS A 43 -8.79 -7.51 31.61
C HIS A 43 -9.35 -8.45 32.69
N PRO A 44 -9.47 -8.00 33.95
CA PRO A 44 -9.93 -8.91 35.00
C PRO A 44 -11.34 -9.43 34.82
N GLN A 45 -12.17 -8.77 34.02
CA GLN A 45 -13.52 -9.23 33.75
C GLN A 45 -13.63 -9.96 32.42
N ALA A 46 -12.53 -10.57 31.97
CA ALA A 46 -12.52 -11.27 30.69
C ALA A 46 -13.61 -12.34 30.61
N ALA A 47 -13.86 -13.04 31.72
CA ALA A 47 -14.82 -14.13 31.67
C ALA A 47 -16.23 -13.62 31.44
N GLN A 48 -16.62 -12.57 32.18
CA GLN A 48 -17.95 -11.99 32.00
C GLN A 48 -18.06 -11.34 30.62
N LEU A 49 -16.97 -10.75 30.14
CA LEU A 49 -16.95 -10.16 28.81
C LEU A 49 -17.29 -11.19 27.74
N ALA A 50 -16.70 -12.39 27.84
CA ALA A 50 -16.99 -13.43 26.85
C ALA A 50 -18.44 -13.89 26.94
N ASN A 51 -18.96 -14.07 28.16
CA ASN A 51 -20.36 -14.42 28.32
C ASN A 51 -21.27 -13.36 27.70
N ASP A 52 -21.03 -12.08 28.03
CA ASP A 52 -21.88 -11.01 27.53
C ASP A 52 -21.80 -10.89 26.01
N CYS A 53 -20.59 -11.02 25.46
CA CYS A 53 -20.42 -10.91 24.01
C CYS A 53 -21.15 -12.04 23.29
N LEU A 54 -21.05 -13.26 23.82
CA LEU A 54 -21.74 -14.38 23.19
C LEU A 54 -23.25 -14.16 23.20
N GLU A 55 -23.81 -13.71 24.32
N GLU A 55 -23.79 -13.75 24.35
CA GLU A 55 -25.24 -13.47 24.35
CA GLU A 55 -25.21 -13.41 24.44
C GLU A 55 -25.64 -12.37 23.38
C GLU A 55 -25.59 -12.39 23.37
N TRP A 56 -24.81 -11.33 23.26
CA TRP A 56 -25.10 -10.27 22.29
C TRP A 56 -25.02 -10.82 20.88
N THR A 57 -23.99 -11.62 20.59
CA THR A 57 -23.84 -12.18 19.26
C THR A 57 -25.04 -13.06 18.90
N ARG A 58 -25.54 -13.82 19.88
CA ARG A 58 -26.71 -14.66 19.62
C ARG A 58 -27.96 -13.82 19.41
N LYS A 59 -28.22 -12.87 20.32
CA LYS A 59 -29.42 -12.04 20.20
C LYS A 59 -29.43 -11.30 18.87
N CYS A 60 -28.28 -10.84 18.41
CA CYS A 60 -28.22 -10.12 17.13
C CYS A 60 -28.36 -11.03 15.93
N GLY A 61 -28.37 -12.35 16.13
CA GLY A 61 -28.50 -13.26 15.02
C GLY A 61 -27.27 -13.41 14.14
N LEU A 62 -26.08 -13.30 14.70
CA LEU A 62 -24.86 -13.41 13.93
C LEU A 62 -24.27 -14.81 13.93
N LEU A 63 -24.75 -15.71 14.78
CA LEU A 63 -24.16 -17.05 14.85
C LEU A 63 -24.61 -17.89 13.66
N PRO A 64 -23.68 -18.44 12.86
CA PRO A 64 -24.10 -19.33 11.76
C PRO A 64 -24.80 -20.59 12.25
N ASP A 65 -24.51 -21.04 13.46
CA ASP A 65 -25.16 -22.19 14.07
C ASP A 65 -24.84 -22.14 15.57
N GLU A 66 -25.47 -23.04 16.33
CA GLU A 66 -25.28 -23.09 17.77
C GLU A 66 -24.37 -24.24 18.21
N SER A 67 -23.51 -24.73 17.32
CA SER A 67 -22.60 -25.79 17.69
C SER A 67 -21.56 -25.28 18.67
N PRO A 68 -20.97 -26.17 19.49
CA PRO A 68 -20.00 -25.69 20.47
C PRO A 68 -18.78 -25.05 19.85
N ARG A 69 -18.35 -25.50 18.67
CA ARG A 69 -17.17 -24.88 18.08
C ARG A 69 -17.48 -23.48 17.57
N THR A 70 -18.72 -23.22 17.12
CA THR A 70 -19.10 -21.86 16.77
C THR A 70 -19.08 -20.99 18.03
N LEU A 71 -19.66 -21.48 19.13
CA LEU A 71 -19.70 -20.68 20.34
C LEU A 71 -18.31 -20.43 20.89
N ASP A 72 -17.43 -21.44 20.81
CA ASP A 72 -16.08 -21.28 21.33
C ASP A 72 -15.30 -20.25 20.51
N LYS A 73 -15.62 -20.09 19.23
CA LYS A 73 -14.98 -19.04 18.44
C LYS A 73 -15.26 -17.67 19.03
N VAL A 74 -16.52 -17.40 19.38
CA VAL A 74 -16.86 -16.13 20.01
C VAL A 74 -16.11 -15.96 21.33
N ARG A 75 -16.05 -17.02 22.13
N ARG A 75 -16.04 -17.02 22.13
CA ARG A 75 -15.31 -16.97 23.38
CA ARG A 75 -15.30 -16.91 23.38
C ARG A 75 -13.84 -16.68 23.12
C ARG A 75 -13.82 -16.70 23.13
N SER A 76 -13.28 -17.27 22.06
CA SER A 76 -11.87 -17.06 21.75
C SER A 76 -11.62 -15.63 21.29
N TYR A 77 -12.48 -15.07 20.44
CA TYR A 77 -12.27 -13.68 20.04
C TYR A 77 -12.43 -12.72 21.22
N SER A 78 -13.33 -13.05 22.15
CA SER A 78 -13.50 -12.21 23.33
C SER A 78 -12.29 -12.29 24.24
N ALA A 79 -11.67 -13.48 24.34
CA ALA A 79 -10.40 -13.60 25.02
C ALA A 79 -9.32 -12.75 24.36
N LEU A 80 -9.27 -12.74 23.02
CA LEU A 80 -8.30 -11.88 22.34
C LEU A 80 -8.51 -10.42 22.73
N ALA A 81 -9.76 -9.95 22.64
CA ALA A 81 -10.06 -8.56 22.98
C ALA A 81 -9.60 -8.23 24.40
N ALA A 82 -9.90 -9.10 25.36
CA ALA A 82 -9.56 -8.86 26.76
C ALA A 82 -8.05 -8.83 26.99
N HIS A 83 -7.28 -9.49 26.13
CA HIS A 83 -5.83 -9.41 26.20
C HIS A 83 -5.27 -8.22 25.44
N CYS A 84 -5.95 -7.77 24.39
CA CYS A 84 -5.47 -6.65 23.59
C CYS A 84 -5.69 -5.29 24.24
N TYR A 85 -6.77 -5.11 25.01
CA TYR A 85 -7.07 -3.84 25.67
C TYR A 85 -7.31 -4.08 27.15
N PRO A 86 -6.30 -4.57 27.87
CA PRO A 86 -6.53 -5.07 29.24
C PRO A 86 -6.89 -3.99 30.25
N ASP A 87 -6.60 -2.72 29.98
CA ASP A 87 -6.86 -1.63 30.90
C ASP A 87 -8.09 -0.81 30.55
N ALA A 88 -8.83 -1.19 29.51
CA ALA A 88 -10.01 -0.45 29.11
C ALA A 88 -11.11 -0.57 30.15
N HIS A 89 -11.90 0.50 30.30
CA HIS A 89 -13.13 0.38 31.07
C HIS A 89 -14.03 -0.65 30.42
N PHE A 90 -14.73 -1.42 31.25
CA PHE A 90 -15.43 -2.61 30.79
C PHE A 90 -16.39 -2.29 29.65
N GLU A 91 -17.13 -1.19 29.75
CA GLU A 91 -18.13 -0.90 28.71
C GLU A 91 -17.47 -0.59 27.37
N ARG A 92 -16.30 0.05 27.38
CA ARG A 92 -15.58 0.27 26.12
C ARG A 92 -15.05 -1.03 25.56
N LEU A 93 -14.46 -1.88 26.42
CA LEU A 93 -13.96 -3.18 25.98
C LEU A 93 -15.09 -4.04 25.45
N ARG A 94 -16.26 -3.96 26.08
CA ARG A 94 -17.41 -4.74 25.62
C ARG A 94 -17.80 -4.37 24.19
N ALA A 95 -17.84 -3.08 23.87
CA ALA A 95 -18.15 -2.68 22.51
C ALA A 95 -17.10 -3.17 21.54
N ILE A 96 -15.82 -3.04 21.92
CA ILE A 96 -14.73 -3.54 21.09
C ILE A 96 -14.89 -5.04 20.92
N CYS A 97 -15.24 -5.73 22.00
N CYS A 97 -15.20 -5.74 22.01
CA CYS A 97 -15.40 -7.18 21.95
CA CYS A 97 -15.43 -7.18 21.95
C CYS A 97 -16.50 -7.60 20.98
C CYS A 97 -16.47 -7.53 20.91
N ASP A 98 -17.64 -6.91 21.02
CA ASP A 98 -18.71 -7.20 20.08
C ASP A 98 -18.23 -6.98 18.65
N TYR A 99 -17.39 -5.97 18.43
CA TYR A 99 -16.89 -5.71 17.09
C TYR A 99 -15.95 -6.82 16.61
N TYR A 100 -15.08 -7.32 17.50
CA TYR A 100 -14.22 -8.43 17.13
C TYR A 100 -15.04 -9.58 16.54
N SER A 101 -16.10 -9.98 17.25
CA SER A 101 -16.86 -11.14 16.83
C SER A 101 -17.71 -10.80 15.62
N TRP A 102 -18.32 -9.61 15.64
CA TRP A 102 -19.08 -9.13 14.49
C TRP A 102 -18.21 -9.14 13.24
N LEU A 103 -16.99 -8.61 13.36
CA LEU A 103 -16.09 -8.51 12.23
C LEU A 103 -15.64 -9.87 11.73
N PHE A 104 -15.28 -10.79 12.64
N PHE A 104 -15.28 -10.79 12.63
CA PHE A 104 -14.91 -12.12 12.18
CA PHE A 104 -14.89 -12.12 12.21
C PHE A 104 -16.02 -12.73 11.33
C PHE A 104 -16.00 -12.78 11.37
N PHE A 105 -17.24 -12.73 11.87
CA PHE A 105 -18.35 -13.34 11.15
C PHE A 105 -18.63 -12.61 9.85
N PHE A 106 -18.66 -11.27 9.85
CA PHE A 106 -19.01 -10.58 8.62
C PHE A 106 -17.87 -10.66 7.60
N ASP A 107 -16.62 -10.56 8.05
CA ASP A 107 -15.52 -10.72 7.11
C ASP A 107 -15.57 -12.09 6.44
N ASP A 108 -15.96 -13.12 7.21
N ASP A 108 -15.96 -13.12 7.21
CA ASP A 108 -16.08 -14.45 6.64
CA ASP A 108 -16.10 -14.46 6.65
C ASP A 108 -17.18 -14.51 5.59
C ASP A 108 -17.18 -14.50 5.58
N VAL A 109 -18.29 -13.80 5.82
CA VAL A 109 -19.37 -13.76 4.83
C VAL A 109 -18.88 -13.09 3.55
N CYS A 110 -18.10 -12.02 3.69
N CYS A 110 -18.12 -11.99 3.70
CA CYS A 110 -17.60 -11.33 2.50
CA CYS A 110 -17.56 -11.31 2.54
C CYS A 110 -16.58 -12.19 1.76
C CYS A 110 -16.61 -12.22 1.77
N GLU A 111 -15.70 -12.87 2.50
CA GLU A 111 -14.75 -13.78 1.85
C GLU A 111 -15.48 -14.86 1.07
N ASN A 112 -16.46 -15.51 1.70
CA ASN A 112 -17.17 -16.61 1.03
C ASN A 112 -17.94 -16.10 -0.18
N THR A 113 -18.48 -14.87 -0.09
CA THR A 113 -19.15 -14.28 -1.25
C THR A 113 -18.20 -14.24 -2.44
N SER A 114 -16.97 -13.78 -2.22
CA SER A 114 -16.01 -13.67 -3.31
C SER A 114 -15.45 -15.04 -3.70
N LEU A 115 -15.04 -15.84 -2.72
CA LEU A 115 -14.48 -17.16 -3.01
C LEU A 115 -15.43 -18.01 -3.82
N ASN A 116 -16.75 -17.84 -3.63
CA ASN A 116 -17.73 -18.63 -4.34
C ASN A 116 -18.27 -17.93 -5.58
N GLY A 117 -17.53 -16.94 -6.10
CA GLY A 117 -17.70 -16.50 -7.47
C GLY A 117 -18.29 -15.13 -7.67
N ALA A 118 -18.56 -14.37 -6.62
CA ALA A 118 -19.24 -13.08 -6.80
C ALA A 118 -18.33 -12.10 -7.54
N GLU A 119 -18.94 -11.28 -8.39
CA GLU A 119 -18.20 -10.22 -9.05
C GLU A 119 -17.78 -9.16 -8.03
N PRO A 120 -16.70 -8.42 -8.31
CA PRO A 120 -16.33 -7.35 -7.37
C PRO A 120 -17.44 -6.37 -7.06
N LYS A 121 -18.33 -6.08 -8.01
CA LYS A 121 -19.39 -5.11 -7.71
C LYS A 121 -20.32 -5.64 -6.62
N VAL A 122 -20.58 -6.95 -6.61
CA VAL A 122 -21.44 -7.53 -5.59
C VAL A 122 -20.75 -7.46 -4.22
N VAL A 123 -19.45 -7.74 -4.18
CA VAL A 123 -18.71 -7.61 -2.92
C VAL A 123 -18.74 -6.17 -2.44
N SER A 124 -18.49 -5.23 -3.35
CA SER A 124 -18.54 -3.81 -3.00
C SER A 124 -19.90 -3.42 -2.43
N SER A 125 -20.98 -3.87 -3.07
CA SER A 125 -22.31 -3.48 -2.61
C SER A 125 -22.62 -4.08 -1.25
N LEU A 126 -22.26 -5.35 -1.04
CA LEU A 126 -22.48 -5.97 0.25
C LEU A 126 -21.78 -5.19 1.36
N LEU A 127 -20.52 -4.82 1.14
CA LEU A 127 -19.75 -4.12 2.16
C LEU A 127 -20.30 -2.72 2.42
N PHE A 128 -20.51 -1.93 1.37
CA PHE A 128 -20.97 -0.56 1.58
C PHE A 128 -22.37 -0.52 2.19
N ASP A 129 -23.24 -1.48 1.83
CA ASP A 129 -24.57 -1.51 2.41
C ASP A 129 -24.53 -1.75 3.91
N VAL A 130 -23.67 -2.66 4.36
CA VAL A 130 -23.64 -2.97 5.79
C VAL A 130 -22.88 -1.91 6.57
N TYR A 131 -21.71 -1.48 6.06
CA TYR A 131 -20.90 -0.51 6.79
C TYR A 131 -21.44 0.91 6.67
N GLY A 132 -22.39 1.14 5.75
CA GLY A 132 -22.99 2.46 5.63
C GLY A 132 -23.60 2.97 6.90
N VAL A 133 -23.98 2.08 7.82
CA VAL A 133 -24.60 2.50 9.07
C VAL A 133 -23.63 3.26 9.98
N LEU A 134 -22.32 3.20 9.71
CA LEU A 134 -21.40 4.04 10.48
C LEU A 134 -21.70 5.53 10.26
N ARG A 135 -22.42 5.87 9.20
CA ARG A 135 -22.83 7.24 8.96
C ARG A 135 -24.28 7.50 9.37
N GLY A 136 -25.03 6.45 9.74
CA GLY A 136 -26.34 6.60 10.33
C GLY A 136 -27.32 5.53 9.90
N PRO A 137 -28.46 5.42 10.58
CA PRO A 137 -29.45 4.39 10.22
C PRO A 137 -29.80 4.41 8.74
N THR A 138 -29.80 3.23 8.13
CA THR A 138 -30.10 3.09 6.71
C THR A 138 -31.23 2.11 6.46
N ALA A 144 -31.46 -6.77 7.91
CA ALA A 144 -30.18 -7.47 7.83
C ALA A 144 -29.54 -7.53 9.20
N PRO A 145 -29.03 -8.71 9.57
CA PRO A 145 -28.55 -8.87 10.95
C PRO A 145 -27.27 -8.10 11.20
N PHE A 146 -26.41 -8.02 10.18
CA PHE A 146 -25.08 -7.44 10.37
C PHE A 146 -25.15 -5.93 10.47
N ALA A 147 -25.98 -5.30 9.63
CA ALA A 147 -26.07 -3.84 9.67
C ALA A 147 -26.67 -3.36 10.98
N GLN A 148 -27.72 -4.04 11.46
CA GLN A 148 -28.33 -3.65 12.73
C GLN A 148 -27.37 -3.85 13.90
N ALA A 149 -26.61 -4.95 13.89
CA ALA A 149 -25.66 -5.21 14.96
C ALA A 149 -24.51 -4.21 14.95
N LEU A 150 -24.01 -3.86 13.76
CA LEU A 150 -22.96 -2.86 13.70
C LEU A 150 -23.45 -1.50 14.22
N ALA A 151 -24.69 -1.15 13.89
CA ALA A 151 -25.24 0.11 14.37
C ALA A 151 -25.30 0.14 15.89
N ASP A 152 -25.64 -1.01 16.51
CA ASP A 152 -25.67 -1.09 17.96
C ASP A 152 -24.28 -0.88 18.55
N ILE A 153 -23.28 -1.52 17.97
CA ILE A 153 -21.90 -1.30 18.41
C ILE A 153 -21.55 0.19 18.29
N TRP A 154 -21.85 0.77 17.13
CA TRP A 154 -21.42 2.12 16.82
C TRP A 154 -22.13 3.16 17.68
N ARG A 155 -23.40 2.93 17.99
CA ARG A 155 -24.10 3.81 18.92
C ARG A 155 -23.32 3.92 20.24
N ARG A 156 -22.83 2.79 20.73
CA ARG A 156 -22.09 2.79 21.99
C ARG A 156 -20.72 3.44 21.83
N ILE A 157 -19.97 3.07 20.80
CA ILE A 157 -18.62 3.61 20.64
C ILE A 157 -18.69 5.12 20.38
N GLY A 158 -19.65 5.55 19.55
CA GLY A 158 -19.77 6.96 19.22
C GLY A 158 -20.02 7.85 20.43
N ASP A 159 -20.70 7.33 21.45
CA ASP A 159 -20.97 8.12 22.64
C ASP A 159 -19.72 8.42 23.44
N GLY A 160 -18.56 7.93 23.02
CA GLY A 160 -17.35 8.08 23.80
C GLY A 160 -16.14 8.49 22.99
N CYS A 161 -16.33 9.26 21.93
N CYS A 161 -16.34 9.22 21.90
CA CYS A 161 -15.22 9.62 21.06
CA CYS A 161 -15.24 9.62 21.03
C CYS A 161 -15.55 10.89 20.30
C CYS A 161 -15.56 10.98 20.43
N PRO A 162 -14.55 11.69 19.93
CA PRO A 162 -14.79 12.90 19.14
C PRO A 162 -14.96 12.62 17.66
N GLY A 163 -15.50 13.63 16.97
CA GLY A 163 -15.80 13.48 15.55
C GLY A 163 -14.59 13.11 14.71
N PHE A 164 -13.44 13.76 14.97
CA PHE A 164 -12.27 13.45 14.15
C PHE A 164 -11.86 11.99 14.28
N TRP A 165 -12.09 11.38 15.45
CA TRP A 165 -11.74 9.96 15.59
C TRP A 165 -12.75 9.07 14.86
N ARG A 166 -14.03 9.43 14.91
CA ARG A 166 -15.03 8.67 14.15
C ARG A 166 -14.71 8.70 12.66
N ARG A 167 -14.33 9.86 12.12
CA ARG A 167 -14.00 9.92 10.70
C ARG A 167 -12.77 9.08 10.40
N ARG A 168 -11.80 9.06 11.33
CA ARG A 168 -10.61 8.24 11.16
C ARG A 168 -10.96 6.76 11.07
N LEU A 169 -11.79 6.28 11.98
CA LEU A 169 -12.22 4.88 11.95
C LEU A 169 -12.95 4.57 10.65
N ILE A 170 -13.90 5.44 10.27
CA ILE A 170 -14.69 5.21 9.07
C ILE A 170 -13.80 5.16 7.85
N ARG A 171 -12.78 6.03 7.81
CA ARG A 171 -11.84 6.00 6.70
C ARG A 171 -11.09 4.68 6.65
N HIS A 172 -10.67 4.15 7.81
CA HIS A 172 -9.98 2.86 7.82
C HIS A 172 -10.93 1.73 7.41
N VAL A 173 -12.22 1.85 7.74
CA VAL A 173 -13.20 0.89 7.24
C VAL A 173 -13.29 0.99 5.73
N GLU A 174 -13.32 2.22 5.19
CA GLU A 174 -13.41 2.38 3.74
C GLU A 174 -12.16 1.86 3.05
N ASN A 175 -10.99 2.03 3.67
CA ASN A 175 -9.77 1.43 3.12
C ASN A 175 -9.91 -0.09 3.04
N TYR A 176 -10.39 -0.70 4.13
CA TYR A 176 -10.59 -2.15 4.18
C TYR A 176 -11.56 -2.59 3.09
N ILE A 177 -12.63 -1.82 2.87
CA ILE A 177 -13.58 -2.17 1.83
C ILE A 177 -12.89 -2.18 0.47
N ASP A 178 -12.15 -1.09 0.17
CA ASP A 178 -11.35 -1.08 -1.06
C ASP A 178 -10.46 -2.31 -1.13
N GLY A 179 -9.83 -2.67 -0.01
CA GLY A 179 -8.99 -3.86 0.01
C GLY A 179 -9.76 -5.13 -0.35
N CYS A 180 -10.96 -5.29 0.20
CA CYS A 180 -11.75 -6.50 -0.06
C CYS A 180 -12.23 -6.54 -1.50
N VAL A 181 -12.61 -5.39 -2.05
CA VAL A 181 -13.03 -5.36 -3.45
C VAL A 181 -11.86 -5.74 -4.34
N TRP A 182 -10.65 -5.31 -3.97
CA TRP A 182 -9.46 -5.69 -4.72
C TRP A 182 -9.20 -7.19 -4.64
N GLU A 183 -9.36 -7.79 -3.47
CA GLU A 183 -9.25 -9.25 -3.38
C GLU A 183 -10.24 -9.94 -4.30
N ALA A 184 -11.48 -9.44 -4.33
CA ALA A 184 -12.48 -10.03 -5.22
C ALA A 184 -12.07 -9.89 -6.68
N GLN A 185 -11.43 -8.77 -7.02
CA GLN A 185 -10.86 -8.57 -8.34
C GLN A 185 -9.85 -9.66 -8.68
N ASN A 186 -8.90 -9.90 -7.77
CA ASN A 186 -7.90 -10.93 -8.00
C ASN A 186 -8.54 -12.29 -8.23
N ARG A 187 -9.53 -12.63 -7.41
CA ARG A 187 -10.17 -13.92 -7.55
C ARG A 187 -10.92 -14.02 -8.87
N GLN A 188 -11.57 -12.93 -9.30
CA GLN A 188 -12.25 -12.96 -10.59
C GLN A 188 -11.26 -13.18 -11.73
N LEU A 189 -10.06 -12.61 -11.62
CA LEU A 189 -9.06 -12.67 -12.68
C LEU A 189 -8.08 -13.83 -12.49
N ASP A 190 -8.31 -14.69 -11.50
N ASP A 190 -8.30 -14.69 -11.50
CA ASP A 190 -7.39 -15.78 -11.18
CA ASP A 190 -7.38 -15.79 -11.21
C ASP A 190 -5.95 -15.28 -11.03
C ASP A 190 -5.95 -15.28 -11.03
N ARG A 191 -5.81 -14.17 -10.31
CA ARG A 191 -4.53 -13.52 -10.10
C ARG A 191 -4.06 -13.76 -8.66
N VAL A 192 -2.83 -14.24 -8.51
CA VAL A 192 -2.10 -14.16 -7.26
C VAL A 192 -1.34 -12.84 -7.26
N PRO A 193 -1.65 -11.90 -6.37
CA PRO A 193 -1.02 -10.59 -6.48
C PRO A 193 0.47 -10.66 -6.23
N SER A 194 1.23 -9.81 -6.91
CA SER A 194 2.64 -9.66 -6.63
C SER A 194 2.82 -9.19 -5.18
N ARG A 195 3.99 -9.48 -4.61
CA ARG A 195 4.17 -9.37 -3.17
C ARG A 195 4.03 -7.93 -2.67
N ALA A 196 4.73 -6.99 -3.30
CA ALA A 196 4.73 -5.63 -2.78
C ALA A 196 3.32 -5.05 -2.78
N VAL A 197 2.55 -5.32 -3.83
CA VAL A 197 1.15 -4.89 -3.88
C VAL A 197 0.34 -5.58 -2.77
N PHE A 198 0.51 -6.89 -2.61
CA PHE A 198 -0.20 -7.60 -1.55
C PHE A 198 0.11 -7.01 -0.17
N GLU A 199 1.39 -6.81 0.12
CA GLU A 199 1.76 -6.32 1.44
C GLU A 199 1.13 -4.96 1.73
N GLY A 200 1.08 -4.09 0.73
CA GLY A 200 0.44 -2.80 0.94
C GLY A 200 -1.06 -2.93 1.14
N MET A 201 -1.71 -3.77 0.33
CA MET A 201 -3.15 -3.92 0.48
C MET A 201 -3.48 -4.70 1.74
N ARG A 202 -2.61 -5.62 2.16
CA ARG A 202 -2.84 -6.39 3.37
C ARG A 202 -2.95 -5.48 4.59
N MET A 203 -2.33 -4.31 4.56
CA MET A 203 -2.46 -3.39 5.68
C MET A 203 -3.89 -2.93 5.86
N HIS A 204 -4.68 -2.92 4.78
CA HIS A 204 -6.07 -2.50 4.88
C HIS A 204 -7.00 -3.68 5.07
N THR A 205 -6.75 -4.81 4.41
CA THR A 205 -7.63 -5.96 4.59
C THR A 205 -7.48 -6.57 5.98
N SER A 206 -6.34 -6.36 6.65
CA SER A 206 -6.16 -6.91 7.99
C SER A 206 -7.03 -6.23 9.03
N THR A 207 -7.51 -5.02 8.75
CA THR A 207 -8.22 -4.12 9.67
C THR A 207 -7.39 -3.68 10.87
N MET A 208 -6.09 -4.00 10.93
CA MET A 208 -5.32 -3.58 12.09
C MET A 208 -5.32 -2.08 12.31
N TYR A 209 -5.45 -1.26 11.26
CA TYR A 209 -5.50 0.17 11.51
C TYR A 209 -6.72 0.55 12.33
N GLU A 210 -7.83 -0.18 12.14
CA GLU A 210 -9.01 0.06 12.98
C GLU A 210 -8.72 -0.28 14.44
N PHE A 211 -7.99 -1.37 14.66
CA PHE A 211 -7.68 -1.78 16.03
C PHE A 211 -6.62 -0.90 16.66
N TRP A 212 -5.77 -0.23 15.87
CA TRP A 212 -4.99 0.83 16.47
C TRP A 212 -5.90 2.01 16.87
N ASP A 213 -6.86 2.36 16.00
CA ASP A 213 -7.84 3.39 16.37
C ASP A 213 -8.51 3.05 17.69
N PHE A 214 -8.85 1.78 17.91
CA PHE A 214 -9.53 1.39 19.14
C PHE A 214 -8.63 1.53 20.37
N ILE A 215 -7.30 1.53 20.21
CA ILE A 215 -6.42 1.86 21.33
C ILE A 215 -6.80 3.22 21.90
N GLU A 216 -7.07 4.19 21.02
CA GLU A 216 -7.47 5.51 21.47
C GLU A 216 -8.81 5.46 22.19
N TYR A 217 -9.80 4.81 21.58
CA TYR A 217 -11.11 4.69 22.19
C TYR A 217 -11.03 3.97 23.53
N ALA A 218 -10.30 2.85 23.56
CA ALA A 218 -10.24 2.03 24.76
C ALA A 218 -9.66 2.80 25.95
N GLY A 219 -8.65 3.63 25.70
CA GLY A 219 -8.01 4.40 26.74
C GLY A 219 -8.60 5.77 26.96
N ASP A 220 -9.61 6.12 26.18
CA ASP A 220 -10.21 7.45 26.20
C ASP A 220 -9.13 8.52 26.10
N LEU A 221 -8.20 8.31 25.18
CA LEU A 221 -7.12 9.27 24.93
C LEU A 221 -6.93 9.34 23.42
N PHE A 222 -7.22 10.50 22.82
CA PHE A 222 -7.30 10.62 21.37
C PHE A 222 -6.20 11.50 20.83
N LEU A 223 -5.52 11.02 19.81
CA LEU A 223 -4.43 11.69 19.11
C LEU A 223 -4.98 12.52 17.96
N PRO A 224 -4.47 13.73 17.76
CA PRO A 224 -4.87 14.52 16.59
C PRO A 224 -4.39 13.89 15.29
N ASP A 225 -5.09 14.23 14.21
CA ASP A 225 -4.69 13.81 12.87
C ASP A 225 -3.21 14.06 12.62
N GLU A 226 -2.72 15.24 13.02
N GLU A 226 -2.71 15.25 13.00
CA GLU A 226 -1.34 15.62 12.74
CA GLU A 226 -1.33 15.57 12.70
C GLU A 226 -0.35 14.64 13.36
C GLU A 226 -0.38 14.52 13.26
N VAL A 227 -0.78 13.86 14.35
CA VAL A 227 0.11 12.92 15.01
C VAL A 227 0.08 11.56 14.33
N VAL A 228 -1.11 10.99 14.17
CA VAL A 228 -1.16 9.63 13.60
C VAL A 228 -0.77 9.66 12.13
N GLU A 229 -0.97 10.79 11.45
CA GLU A 229 -0.60 10.91 10.04
C GLU A 229 0.84 11.40 9.85
N HIS A 230 1.53 11.79 10.92
CA HIS A 230 2.94 12.15 10.78
C HIS A 230 3.67 10.95 10.16
N PRO A 231 4.50 11.15 9.15
CA PRO A 231 5.01 9.98 8.43
C PRO A 231 5.79 8.99 9.29
N LEU A 232 6.46 9.45 10.34
CA LEU A 232 7.16 8.52 11.23
C LEU A 232 6.18 7.70 12.06
N VAL A 233 5.17 8.36 12.64
CA VAL A 233 4.12 7.64 13.35
C VAL A 233 3.37 6.69 12.42
N ALA A 234 3.08 7.14 11.20
CA ALA A 234 2.40 6.27 10.25
C ALA A 234 3.22 5.03 9.95
N GLU A 235 4.54 5.18 9.88
CA GLU A 235 5.41 4.05 9.61
C GLU A 235 5.49 3.12 10.81
N VAL A 236 5.37 3.67 12.03
CA VAL A 236 5.23 2.84 13.22
C VAL A 236 3.93 2.06 13.15
N ARG A 237 2.84 2.74 12.80
CA ARG A 237 1.55 2.07 12.67
C ARG A 237 1.59 1.00 11.59
N ARG A 238 2.25 1.28 10.46
CA ARG A 238 2.34 0.29 9.40
C ARG A 238 3.17 -0.91 9.82
N ALA A 239 4.33 -0.66 10.43
CA ALA A 239 5.17 -1.77 10.86
C ALA A 239 4.43 -2.68 11.81
N GLY A 240 3.71 -2.11 12.78
CA GLY A 240 2.96 -2.93 13.71
C GLY A 240 1.85 -3.70 13.03
N ASN A 241 1.19 -3.06 12.07
CA ASN A 241 0.19 -3.74 11.24
C ASN A 241 0.80 -4.94 10.53
N ALA A 242 1.95 -4.73 9.90
CA ALA A 242 2.63 -5.82 9.19
C ALA A 242 3.02 -6.94 10.14
N ILE A 243 3.58 -6.60 11.30
CA ILE A 243 3.96 -7.63 12.26
C ILE A 243 2.77 -8.52 12.58
N ALA A 244 1.66 -7.91 12.99
CA ALA A 244 0.48 -8.70 13.36
C ALA A 244 -0.10 -9.42 12.15
N SER A 245 -0.16 -8.75 11.00
CA SER A 245 -0.80 -9.34 9.82
C SER A 245 0.02 -10.49 9.27
N PHE A 246 1.34 -10.30 9.19
CA PHE A 246 2.18 -11.35 8.62
C PHE A 246 2.30 -12.54 9.57
N ALA A 247 2.29 -12.28 10.89
CA ALA A 247 2.17 -13.38 11.84
C ALA A 247 0.86 -14.13 11.63
N ASN A 248 -0.23 -13.40 11.38
CA ASN A 248 -1.52 -14.04 11.15
C ASN A 248 -1.50 -14.87 9.87
N ASP A 249 -0.89 -14.34 8.80
CA ASP A 249 -0.76 -15.12 7.57
C ASP A 249 -0.03 -16.43 7.84
N ILE A 250 1.09 -16.37 8.57
CA ILE A 250 1.89 -17.57 8.81
C ILE A 250 1.10 -18.59 9.61
N TYR A 251 0.40 -18.14 10.65
CA TYR A 251 -0.33 -19.08 11.51
C TYR A 251 -1.64 -19.51 10.87
N SER A 252 -2.30 -18.60 10.13
CA SER A 252 -3.57 -18.89 9.49
C SER A 252 -3.40 -19.38 8.05
N LEU A 253 -2.30 -20.04 7.72
CA LEU A 253 -2.13 -20.50 6.35
C LEU A 253 -2.92 -21.77 6.08
N ARG A 254 -2.88 -22.73 7.00
CA ARG A 254 -3.51 -24.02 6.76
C ARG A 254 -5.00 -23.87 6.51
N LYS A 255 -5.67 -22.95 7.20
CA LYS A 255 -7.10 -22.79 7.02
C LYS A 255 -7.44 -21.93 5.80
N GLU A 256 -6.55 -21.00 5.43
CA GLU A 256 -6.84 -20.16 4.26
C GLU A 256 -6.66 -20.95 2.96
N THR A 257 -5.70 -21.87 2.91
CA THR A 257 -5.52 -22.68 1.70
C THR A 257 -6.63 -23.74 1.57
N SER A 258 -7.11 -24.29 2.70
CA SER A 258 -8.29 -25.15 2.62
C SER A 258 -9.51 -24.37 2.15
N ASN A 259 -9.47 -23.04 2.23
CA ASN A 259 -10.52 -22.16 1.72
C ASN A 259 -10.27 -21.73 0.28
N ARG A 260 -9.21 -22.22 -0.36
CA ARG A 260 -8.86 -21.85 -1.74
C ARG A 260 -8.57 -20.35 -1.86
N ASP A 261 -7.95 -19.76 -0.84
CA ASP A 261 -7.59 -18.35 -0.85
C ASP A 261 -6.08 -18.19 -1.00
N VAL A 262 -5.67 -17.18 -1.77
CA VAL A 262 -4.28 -16.91 -2.07
C VAL A 262 -3.77 -15.65 -1.39
N HIS A 263 -4.63 -14.93 -0.66
CA HIS A 263 -4.27 -13.64 -0.09
C HIS A 263 -3.58 -13.85 1.25
N ASN A 264 -2.33 -14.31 1.15
CA ASN A 264 -1.54 -14.77 2.27
C ASN A 264 -0.08 -14.60 1.91
N LEU A 265 0.70 -13.96 2.78
CA LEU A 265 2.10 -13.68 2.44
C LEU A 265 2.82 -14.94 1.98
N VAL A 266 2.58 -16.05 2.65
CA VAL A 266 3.33 -17.27 2.33
C VAL A 266 3.02 -17.73 0.90
N VAL A 267 1.73 -17.71 0.53
CA VAL A 267 1.36 -18.13 -0.83
C VAL A 267 1.89 -17.13 -1.85
N VAL A 268 1.76 -15.85 -1.54
CA VAL A 268 2.25 -14.81 -2.43
C VAL A 268 3.75 -14.96 -2.67
N LEU A 269 4.49 -15.36 -1.63
CA LEU A 269 5.93 -15.61 -1.81
C LEU A 269 6.18 -16.80 -2.72
N MET A 270 5.45 -17.90 -2.54
CA MET A 270 5.66 -19.05 -3.40
C MET A 270 5.47 -18.69 -4.86
N HIS A 271 4.40 -17.96 -5.18
CA HIS A 271 4.16 -17.63 -6.57
C HIS A 271 5.16 -16.63 -7.11
N GLU A 272 5.55 -15.64 -6.32
CA GLU A 272 6.44 -14.60 -6.84
C GLU A 272 7.88 -15.12 -6.98
N GLU A 273 8.37 -15.83 -5.97
CA GLU A 273 9.75 -16.27 -5.97
C GLU A 273 9.91 -17.67 -6.53
N ARG A 274 8.80 -18.34 -6.85
CA ARG A 274 8.82 -19.71 -7.40
C ARG A 274 9.55 -20.65 -6.45
N ILE A 275 9.09 -20.68 -5.20
CA ILE A 275 9.70 -21.51 -4.17
C ILE A 275 8.63 -22.37 -3.53
N GLU A 276 9.09 -23.42 -2.85
CA GLU A 276 8.19 -24.36 -2.19
C GLU A 276 7.77 -23.84 -0.83
N LEU A 277 6.84 -24.57 -0.20
CA LEU A 277 6.11 -24.06 0.95
C LEU A 277 7.03 -23.75 2.12
N GLU A 278 7.87 -24.71 2.51
CA GLU A 278 8.73 -24.50 3.68
C GLU A 278 9.68 -23.33 3.44
N ALA A 279 10.24 -23.23 2.23
CA ALA A 279 11.05 -22.06 1.90
C ALA A 279 10.25 -20.77 2.05
N ALA A 280 8.98 -20.78 1.63
CA ALA A 280 8.18 -19.57 1.70
C ALA A 280 7.82 -19.22 3.15
N TYR A 281 7.57 -20.24 3.97
CA TYR A 281 7.42 -19.97 5.40
C TYR A 281 8.66 -19.28 5.95
N ALA A 282 9.85 -19.76 5.54
CA ALA A 282 11.10 -19.18 6.04
C ALA A 282 11.26 -17.74 5.59
N ARG A 283 10.98 -17.46 4.31
CA ARG A 283 11.01 -16.08 3.84
C ARG A 283 10.00 -15.22 4.59
N ALA A 284 8.78 -15.74 4.79
CA ALA A 284 7.75 -14.95 5.47
C ALA A 284 8.16 -14.62 6.89
N ALA A 285 8.82 -15.57 7.58
CA ALA A 285 9.26 -15.32 8.94
C ALA A 285 10.36 -14.26 8.98
N GLY A 286 11.26 -14.29 8.00
CA GLY A 286 12.28 -13.25 7.92
C GLY A 286 11.69 -11.87 7.69
N ILE A 287 10.71 -11.78 6.79
CA ILE A 287 10.04 -10.50 6.55
C ILE A 287 9.35 -10.02 7.82
N HIS A 288 8.64 -10.93 8.51
CA HIS A 288 8.04 -10.58 9.79
C HIS A 288 9.07 -10.06 10.77
N ASP A 289 10.17 -10.80 10.95
CA ASP A 289 11.18 -10.41 11.93
C ASP A 289 11.84 -9.08 11.57
N ALA A 290 12.02 -8.80 10.28
CA ALA A 290 12.61 -7.51 9.91
C ALA A 290 11.67 -6.37 10.27
N GLN A 291 10.35 -6.56 10.14
CA GLN A 291 9.41 -5.54 10.56
C GLN A 291 9.48 -5.32 12.07
N VAL A 292 9.62 -6.40 12.83
CA VAL A 292 9.75 -6.27 14.29
C VAL A 292 10.97 -5.44 14.65
N GLU A 293 12.13 -5.78 14.09
CA GLU A 293 13.34 -5.01 14.39
C GLU A 293 13.19 -3.55 13.96
N HIS A 294 12.55 -3.33 12.82
CA HIS A 294 12.26 -1.97 12.35
C HIS A 294 11.40 -1.22 13.36
N PHE A 295 10.32 -1.85 13.84
CA PHE A 295 9.45 -1.24 14.83
C PHE A 295 10.21 -0.86 16.10
N LEU A 296 11.05 -1.78 16.59
CA LEU A 296 11.81 -1.52 17.81
C LEU A 296 12.71 -0.30 17.65
N ASP A 297 13.27 -0.12 16.47
CA ASP A 297 14.14 1.03 16.21
C ASP A 297 13.31 2.30 16.10
N LEU A 298 12.21 2.24 15.35
CA LEU A 298 11.44 3.45 15.08
C LEU A 298 10.89 4.08 16.33
N VAL A 299 10.40 3.26 17.27
CA VAL A 299 9.75 3.82 18.45
C VAL A 299 10.73 4.50 19.38
N LYS A 300 12.04 4.39 19.13
CA LYS A 300 13.01 5.15 19.89
C LYS A 300 13.19 6.57 19.35
N HIS A 301 12.57 6.90 18.21
CA HIS A 301 12.78 8.19 17.55
C HIS A 301 11.45 8.84 17.20
N LEU A 302 10.44 8.64 18.05
CA LEU A 302 9.16 9.29 17.82
C LEU A 302 9.33 10.81 17.77
N PRO A 303 8.56 11.52 16.95
CA PRO A 303 8.55 12.98 17.03
C PRO A 303 7.87 13.46 18.29
N THR A 304 8.17 14.71 18.66
CA THR A 304 7.57 15.37 19.81
C THR A 304 6.59 16.44 19.34
N PHE A 305 5.46 16.57 20.05
CA PHE A 305 4.38 17.45 19.63
C PHE A 305 4.03 18.41 20.75
N SER A 306 3.68 17.86 21.90
CA SER A 306 3.34 18.63 23.08
C SER A 306 3.41 17.70 24.29
N ALA A 307 3.32 18.30 25.47
CA ALA A 307 3.35 17.51 26.70
C ALA A 307 2.26 16.44 26.70
N THR A 308 1.00 16.83 26.51
CA THR A 308 -0.10 15.89 26.59
C THR A 308 -0.08 14.92 25.42
N ILE A 309 0.18 15.41 24.21
CA ILE A 309 0.18 14.54 23.03
C ILE A 309 1.28 13.49 23.17
N ASP A 310 2.47 13.91 23.60
CA ASP A 310 3.57 12.97 23.69
C ASP A 310 3.25 11.88 24.70
N ARG A 311 2.60 12.25 25.81
CA ARG A 311 2.18 11.24 26.77
C ARG A 311 1.18 10.28 26.14
N ASN A 312 0.22 10.82 25.39
CA ASN A 312 -0.80 9.97 24.78
C ASN A 312 -0.21 9.11 23.68
N LEU A 313 0.75 9.64 22.94
CA LEU A 313 1.41 8.86 21.90
C LEU A 313 2.17 7.70 22.49
N ALA A 314 2.83 7.93 23.63
CA ALA A 314 3.55 6.85 24.31
C ALA A 314 2.60 5.73 24.70
N ARG A 315 1.43 6.07 25.24
CA ARG A 315 0.42 5.07 25.57
C ARG A 315 -0.07 4.34 24.33
N TYR A 316 -0.27 5.08 23.23
CA TYR A 316 -0.73 4.48 21.98
C TYR A 316 0.27 3.46 21.46
N VAL A 317 1.55 3.83 21.41
CA VAL A 317 2.59 2.90 20.98
C VAL A 317 2.65 1.70 21.91
N GLU A 318 2.53 1.92 23.22
CA GLU A 318 2.52 0.79 24.16
C GLU A 318 1.31 -0.10 23.89
N GLY A 319 0.18 0.50 23.56
CA GLY A 319 -0.99 -0.29 23.16
C GLY A 319 -0.72 -1.18 21.97
N ILE A 320 0.05 -0.68 21.00
CA ILE A 320 0.39 -1.53 19.85
C ILE A 320 1.26 -2.70 20.30
N ARG A 321 2.22 -2.45 21.18
CA ARG A 321 3.03 -3.54 21.73
C ARG A 321 2.15 -4.59 22.38
N ILE A 322 1.25 -4.16 23.27
CA ILE A 322 0.36 -5.09 23.95
C ILE A 322 -0.43 -5.90 22.93
N TRP A 323 -1.00 -5.22 21.94
CA TRP A 323 -1.80 -5.90 20.93
C TRP A 323 -0.98 -6.94 20.19
N ILE A 324 0.24 -6.60 19.81
CA ILE A 324 1.07 -7.53 19.03
C ILE A 324 1.35 -8.80 19.83
N ARG A 325 1.75 -8.65 21.09
CA ARG A 325 2.00 -9.85 21.89
C ARG A 325 0.71 -10.62 22.16
N ALA A 326 -0.38 -9.92 22.43
CA ALA A 326 -1.64 -10.62 22.67
C ALA A 326 -2.04 -11.43 21.45
N ASN A 327 -1.91 -10.83 20.26
CA ASN A 327 -2.22 -11.54 19.02
C ASN A 327 -1.31 -12.75 18.84
N HIS A 328 -0.02 -12.59 19.14
CA HIS A 328 0.92 -13.70 19.03
C HIS A 328 0.51 -14.87 19.92
N ASP A 329 0.27 -14.61 21.21
CA ASP A 329 -0.09 -15.68 22.14
C ASP A 329 -1.39 -16.36 21.75
N TRP A 330 -2.33 -15.60 21.19
CA TRP A 330 -3.65 -16.11 20.87
C TRP A 330 -3.65 -16.89 19.56
N SER A 331 -2.92 -16.40 18.56
CA SER A 331 -2.92 -17.03 17.25
C SER A 331 -2.41 -18.46 17.32
N ILE A 332 -1.51 -18.74 18.26
CA ILE A 332 -0.92 -20.07 18.39
C ILE A 332 -1.90 -21.08 18.95
N VAL A 333 -2.93 -20.62 19.66
CA VAL A 333 -3.82 -21.52 20.39
C VAL A 333 -5.27 -21.42 19.94
N THR A 334 -5.65 -20.38 19.19
CA THR A 334 -7.05 -20.13 18.91
C THR A 334 -7.63 -21.24 18.03
N PRO A 335 -8.87 -21.68 18.29
CA PRO A 335 -9.50 -22.68 17.41
C PRO A 335 -9.73 -22.17 15.99
N ARG A 336 -9.70 -20.87 15.77
N ARG A 336 -9.71 -20.86 15.76
CA ARG A 336 -9.97 -20.32 14.44
CA ARG A 336 -10.00 -20.34 14.43
C ARG A 336 -8.98 -20.85 13.42
C ARG A 336 -8.97 -20.84 13.40
N TYR A 337 -7.70 -20.91 13.79
CA TYR A 337 -6.67 -21.41 12.89
C TYR A 337 -6.35 -22.87 13.21
N ALA B 32 5.60 26.39 -5.40
CA ALA B 32 4.60 26.25 -4.35
C ALA B 32 4.87 25.02 -3.48
N LEU B 33 5.70 24.10 -3.97
CA LEU B 33 6.02 22.88 -3.26
C LEU B 33 7.44 22.93 -2.70
N LEU B 34 7.63 22.26 -1.56
CA LEU B 34 8.96 22.16 -0.97
C LEU B 34 9.86 21.35 -1.89
N CYS B 35 10.93 21.98 -2.41
CA CYS B 35 11.97 21.27 -3.15
C CYS B 35 13.34 21.73 -2.68
N PRO B 36 13.86 21.12 -1.62
CA PRO B 36 15.14 21.55 -1.04
C PRO B 36 16.37 20.92 -1.68
N PHE B 37 16.22 20.25 -2.80
CA PHE B 37 17.33 19.57 -3.45
C PHE B 37 17.88 20.43 -4.56
N PRO B 38 19.19 20.65 -4.61
CA PRO B 38 19.74 21.54 -5.65
C PRO B 38 19.64 20.93 -7.04
N ALA B 39 19.60 21.80 -8.04
CA ALA B 39 19.56 21.34 -9.41
C ALA B 39 20.93 20.82 -9.83
N THR B 40 20.93 20.01 -10.88
CA THR B 40 22.12 19.33 -11.35
C THR B 40 22.25 19.53 -12.85
N THR B 41 23.48 19.71 -13.32
CA THR B 41 23.74 19.78 -14.75
C THR B 41 23.25 18.51 -15.43
N PRO B 42 22.49 18.61 -16.53
CA PRO B 42 22.07 17.41 -17.25
C PRO B 42 23.26 16.70 -17.88
N HIS B 43 22.98 15.50 -18.38
CA HIS B 43 24.00 14.72 -19.06
C HIS B 43 24.59 15.50 -20.22
N PRO B 44 25.92 15.43 -20.43
CA PRO B 44 26.55 16.28 -21.46
C PRO B 44 26.09 15.99 -22.88
N GLN B 45 25.51 14.81 -23.15
CA GLN B 45 25.05 14.46 -24.49
C GLN B 45 23.52 14.47 -24.59
N ALA B 46 22.88 15.34 -23.79
CA ALA B 46 21.43 15.42 -23.76
C ALA B 46 20.82 15.64 -25.15
N ALA B 47 21.44 16.52 -25.95
CA ALA B 47 20.87 16.84 -27.25
C ALA B 47 20.90 15.62 -28.17
N GLN B 48 22.05 14.95 -28.28
CA GLN B 48 22.13 13.77 -29.13
C GLN B 48 21.19 12.69 -28.61
N LEU B 49 21.12 12.52 -27.30
CA LEU B 49 20.21 11.57 -26.69
C LEU B 49 18.79 11.78 -27.16
N ALA B 50 18.31 13.02 -27.13
CA ALA B 50 16.94 13.30 -27.56
C ALA B 50 16.77 12.98 -29.04
N ASN B 51 17.77 13.29 -29.86
CA ASN B 51 17.66 13.00 -31.29
C ASN B 51 17.60 11.51 -31.54
N ASP B 52 18.52 10.74 -30.92
CA ASP B 52 18.52 9.30 -31.09
C ASP B 52 17.23 8.67 -30.55
N CYS B 53 16.76 9.14 -29.41
CA CYS B 53 15.56 8.54 -28.83
C CYS B 53 14.36 8.77 -29.72
N LEU B 54 14.21 9.99 -30.24
CA LEU B 54 13.09 10.29 -31.14
C LEU B 54 13.13 9.38 -32.37
N GLU B 55 14.32 9.22 -32.96
CA GLU B 55 14.45 8.35 -34.13
C GLU B 55 14.06 6.92 -33.79
N TRP B 56 14.44 6.44 -32.60
CA TRP B 56 14.10 5.09 -32.18
C TRP B 56 12.59 4.94 -31.98
N THR B 57 11.95 5.93 -31.34
CA THR B 57 10.51 5.82 -31.12
C THR B 57 9.75 5.83 -32.44
N ARG B 58 10.21 6.63 -33.40
CA ARG B 58 9.60 6.64 -34.72
C ARG B 58 9.77 5.30 -35.41
N LYS B 59 11.02 4.80 -35.46
CA LYS B 59 11.31 3.56 -36.18
C LYS B 59 10.58 2.36 -35.55
N CYS B 60 10.35 2.39 -34.23
CA CYS B 60 9.60 1.32 -33.59
C CYS B 60 8.09 1.48 -33.74
N GLY B 61 7.62 2.57 -34.33
CA GLY B 61 6.19 2.74 -34.53
C GLY B 61 5.40 3.17 -33.33
N LEU B 62 6.04 3.88 -32.38
CA LEU B 62 5.38 4.22 -31.13
C LEU B 62 4.73 5.60 -31.14
N LEU B 63 5.01 6.43 -32.14
CA LEU B 63 4.44 7.78 -32.20
C LEU B 63 2.98 7.72 -32.65
N PRO B 64 2.04 8.30 -31.89
CA PRO B 64 0.65 8.32 -32.35
C PRO B 64 0.46 9.19 -33.58
N ASP B 65 1.29 10.21 -33.75
CA ASP B 65 1.28 11.04 -34.94
C ASP B 65 2.61 11.78 -34.98
N GLU B 66 2.83 12.55 -36.04
CA GLU B 66 4.07 13.29 -36.25
C GLU B 66 3.88 14.79 -36.05
N SER B 67 2.90 15.19 -35.25
CA SER B 67 2.70 16.61 -34.99
C SER B 67 3.83 17.16 -34.12
N PRO B 68 4.06 18.47 -34.17
CA PRO B 68 5.09 19.06 -33.31
C PRO B 68 4.80 18.85 -31.85
N ARG B 69 3.52 18.80 -31.48
CA ARG B 69 3.14 18.51 -30.10
C ARG B 69 3.66 17.14 -29.66
N THR B 70 3.49 16.14 -30.52
CA THR B 70 3.93 14.79 -30.16
C THR B 70 5.45 14.71 -30.10
N LEU B 71 6.12 15.26 -31.11
CA LEU B 71 7.58 15.20 -31.14
C LEU B 71 8.18 15.99 -29.98
N ASP B 72 7.59 17.15 -29.65
CA ASP B 72 8.07 17.93 -28.53
C ASP B 72 7.96 17.14 -27.23
N LYS B 73 6.91 16.33 -27.08
CA LYS B 73 6.76 15.55 -25.86
C LYS B 73 7.89 14.54 -25.73
N VAL B 74 8.20 13.83 -26.81
CA VAL B 74 9.32 12.89 -26.79
C VAL B 74 10.62 13.60 -26.44
N ARG B 75 10.85 14.77 -27.05
CA ARG B 75 12.04 15.53 -26.69
C ARG B 75 12.01 15.93 -25.23
N SER B 76 10.83 16.19 -24.68
CA SER B 76 10.70 16.54 -23.28
C SER B 76 11.02 15.35 -22.38
N TYR B 77 10.54 14.16 -22.74
CA TYR B 77 10.85 12.96 -21.94
C TYR B 77 12.35 12.70 -21.93
N SER B 78 13.01 12.92 -23.07
CA SER B 78 14.45 12.71 -23.15
C SER B 78 15.22 13.74 -22.34
N ALA B 79 14.74 14.99 -22.35
CA ALA B 79 15.31 15.99 -21.44
C ALA B 79 15.14 15.55 -19.99
N LEU B 80 13.98 15.00 -19.64
CA LEU B 80 13.79 14.53 -18.28
C LEU B 80 14.82 13.45 -17.95
N ALA B 81 14.99 12.47 -18.83
CA ALA B 81 15.94 11.40 -18.59
C ALA B 81 17.35 11.94 -18.44
N ALA B 82 17.75 12.89 -19.28
CA ALA B 82 19.11 13.42 -19.19
C ALA B 82 19.34 14.21 -17.91
N HIS B 83 18.28 14.75 -17.31
CA HIS B 83 18.43 15.44 -16.03
C HIS B 83 18.34 14.48 -14.85
N CYS B 84 17.63 13.35 -15.01
CA CYS B 84 17.49 12.39 -13.92
C CYS B 84 18.74 11.54 -13.70
N TYR B 85 19.45 11.19 -14.77
CA TYR B 85 20.66 10.35 -14.69
C TYR B 85 21.80 11.07 -15.40
N PRO B 86 22.24 12.20 -14.87
CA PRO B 86 23.24 13.02 -15.59
C PRO B 86 24.63 12.42 -15.59
N ASP B 87 24.92 11.42 -14.75
CA ASP B 87 26.27 10.86 -14.65
C ASP B 87 26.37 9.46 -15.26
N ALA B 88 25.43 9.07 -16.10
CA ALA B 88 25.44 7.73 -16.68
C ALA B 88 26.29 7.66 -17.93
N HIS B 89 26.83 6.47 -18.19
CA HIS B 89 27.39 6.19 -19.50
C HIS B 89 26.31 6.34 -20.56
N PHE B 90 26.70 6.90 -21.71
CA PHE B 90 25.72 7.31 -22.71
C PHE B 90 24.79 6.17 -23.10
N GLU B 91 25.36 4.98 -23.38
CA GLU B 91 24.51 3.92 -23.92
C GLU B 91 23.56 3.37 -22.86
N ARG B 92 23.90 3.48 -21.58
CA ARG B 92 22.95 3.11 -20.54
C ARG B 92 21.83 4.15 -20.46
N LEU B 93 22.18 5.43 -20.48
CA LEU B 93 21.18 6.49 -20.49
C LEU B 93 20.29 6.37 -21.73
N ARG B 94 20.86 6.01 -22.87
CA ARG B 94 20.07 5.85 -24.08
C ARG B 94 18.98 4.81 -23.88
N ALA B 95 19.31 3.68 -23.26
CA ALA B 95 18.31 2.63 -23.07
C ALA B 95 17.23 3.09 -22.09
N ILE B 96 17.63 3.74 -21.01
CA ILE B 96 16.66 4.33 -20.08
C ILE B 96 15.77 5.32 -20.81
N CYS B 97 16.38 6.20 -21.61
N CYS B 97 16.39 6.23 -21.57
CA CYS B 97 15.62 7.21 -22.34
CA CYS B 97 15.64 7.19 -22.38
C CYS B 97 14.57 6.58 -23.26
C CYS B 97 14.55 6.51 -23.19
N ASP B 98 14.95 5.51 -23.97
CA ASP B 98 13.98 4.80 -24.80
C ASP B 98 12.84 4.27 -23.93
N TYR B 99 13.17 3.79 -22.73
CA TYR B 99 12.13 3.28 -21.85
C TYR B 99 11.20 4.40 -21.36
N TYR B 100 11.74 5.58 -21.04
CA TYR B 100 10.87 6.70 -20.66
C TYR B 100 9.77 6.92 -21.70
N SER B 101 10.17 7.02 -22.98
CA SER B 101 9.20 7.33 -24.02
C SER B 101 8.27 6.15 -24.28
N TRP B 102 8.85 4.95 -24.40
CA TRP B 102 8.06 3.74 -24.53
C TRP B 102 6.98 3.68 -23.46
N LEU B 103 7.37 3.97 -22.21
CA LEU B 103 6.45 3.82 -21.08
C LEU B 103 5.39 4.92 -21.08
N PHE B 104 5.78 6.17 -21.32
CA PHE B 104 4.77 7.22 -21.48
C PHE B 104 3.72 6.79 -22.50
N PHE B 105 4.16 6.30 -23.67
CA PHE B 105 3.20 5.95 -24.71
C PHE B 105 2.36 4.74 -24.32
N PHE B 106 3.00 3.69 -23.78
CA PHE B 106 2.23 2.47 -23.52
C PHE B 106 1.31 2.65 -22.33
N ASP B 107 1.74 3.36 -21.29
CA ASP B 107 0.85 3.65 -20.18
C ASP B 107 -0.37 4.44 -20.65
N ASP B 108 -0.17 5.40 -21.58
CA ASP B 108 -1.33 6.11 -22.12
C ASP B 108 -2.26 5.15 -22.85
N VAL B 109 -1.71 4.23 -23.64
CA VAL B 109 -2.55 3.27 -24.35
C VAL B 109 -3.36 2.43 -23.35
N CYS B 110 -2.70 1.97 -22.28
CA CYS B 110 -3.40 1.17 -21.28
C CYS B 110 -4.43 2.00 -20.53
N GLU B 111 -4.11 3.24 -20.18
CA GLU B 111 -5.10 4.11 -19.55
C GLU B 111 -6.31 4.30 -20.47
N ASN B 112 -6.06 4.60 -21.74
CA ASN B 112 -7.17 4.89 -22.65
C ASN B 112 -8.02 3.64 -22.89
N THR B 113 -7.39 2.47 -22.91
CA THR B 113 -8.13 1.22 -23.05
C THR B 113 -9.19 1.12 -21.96
N SER B 114 -8.81 1.46 -20.73
CA SER B 114 -9.68 1.37 -19.58
C SER B 114 -10.68 2.52 -19.55
N LEU B 115 -10.20 3.75 -19.76
CA LEU B 115 -11.07 4.92 -19.70
C LEU B 115 -12.21 4.82 -20.71
N ASN B 116 -11.93 4.25 -21.89
CA ASN B 116 -12.95 4.12 -22.92
C ASN B 116 -13.74 2.82 -22.80
N GLY B 117 -13.66 2.13 -21.67
CA GLY B 117 -14.64 1.13 -21.32
C GLY B 117 -14.20 -0.32 -21.29
N ALA B 118 -12.90 -0.61 -21.44
CA ALA B 118 -12.47 -2.00 -21.42
C ALA B 118 -12.59 -2.57 -20.02
N GLU B 119 -12.93 -3.85 -19.98
CA GLU B 119 -12.97 -4.61 -18.74
C GLU B 119 -11.57 -4.78 -18.18
N PRO B 120 -11.42 -4.88 -16.86
CA PRO B 120 -10.07 -5.08 -16.30
C PRO B 120 -9.33 -6.27 -16.87
N LYS B 121 -10.04 -7.36 -17.21
CA LYS B 121 -9.35 -8.51 -17.78
C LYS B 121 -8.65 -8.15 -19.08
N VAL B 122 -9.22 -7.24 -19.86
CA VAL B 122 -8.61 -6.85 -21.12
C VAL B 122 -7.35 -6.04 -20.88
N VAL B 123 -7.42 -5.09 -19.95
CA VAL B 123 -6.26 -4.31 -19.53
C VAL B 123 -5.16 -5.24 -19.03
N SER B 124 -5.53 -6.20 -18.18
CA SER B 124 -4.57 -7.17 -17.66
C SER B 124 -3.89 -7.93 -18.78
N SER B 125 -4.68 -8.42 -19.74
CA SER B 125 -4.10 -9.20 -20.83
C SER B 125 -3.15 -8.36 -21.67
N LEU B 126 -3.51 -7.09 -21.91
CA LEU B 126 -2.65 -6.22 -22.68
C LEU B 126 -1.31 -6.02 -21.99
N LEU B 127 -1.34 -5.75 -20.69
CA LEU B 127 -0.10 -5.52 -19.94
C LEU B 127 0.75 -6.77 -19.89
N PHE B 128 0.16 -7.90 -19.50
CA PHE B 128 0.96 -9.10 -19.36
C PHE B 128 1.49 -9.58 -20.71
N ASP B 129 0.71 -9.38 -21.78
CA ASP B 129 1.15 -9.77 -23.11
C ASP B 129 2.36 -8.97 -23.55
N VAL B 130 2.38 -7.67 -23.26
CA VAL B 130 3.49 -6.84 -23.71
C VAL B 130 4.70 -7.00 -22.78
N TYR B 131 4.49 -6.90 -21.47
CA TYR B 131 5.61 -7.01 -20.55
C TYR B 131 6.15 -8.44 -20.45
N GLY B 132 5.49 -9.42 -21.06
CA GLY B 132 5.98 -10.79 -21.00
C GLY B 132 7.37 -10.94 -21.59
N VAL B 133 7.77 -10.05 -22.50
CA VAL B 133 9.08 -10.15 -23.10
C VAL B 133 10.20 -10.00 -22.07
N LEU B 134 9.91 -9.49 -20.88
CA LEU B 134 10.96 -9.40 -19.86
C LEU B 134 11.35 -10.77 -19.31
N ARG B 135 10.52 -11.79 -19.52
CA ARG B 135 10.79 -13.14 -19.03
C ARG B 135 11.17 -14.11 -20.14
N GLY B 136 10.50 -14.02 -21.29
CA GLY B 136 10.87 -14.80 -22.45
C GLY B 136 11.70 -13.98 -23.44
N HIS B 143 1.34 -7.65 -28.12
CA HIS B 143 2.61 -7.83 -28.83
C HIS B 143 2.72 -6.96 -30.07
N ALA B 144 1.96 -5.88 -30.13
CA ALA B 144 1.87 -5.13 -31.40
C ALA B 144 3.10 -4.24 -31.67
N PRO B 145 3.14 -2.89 -31.50
CA PRO B 145 4.46 -2.22 -31.60
C PRO B 145 5.24 -2.37 -30.31
N PHE B 146 4.53 -2.46 -29.20
CA PHE B 146 5.15 -2.24 -27.91
C PHE B 146 5.98 -3.43 -27.44
N ALA B 147 5.55 -4.66 -27.74
CA ALA B 147 6.31 -5.82 -27.30
C ALA B 147 7.70 -5.84 -27.93
N GLN B 148 7.77 -5.62 -29.25
CA GLN B 148 9.07 -5.67 -29.93
C GLN B 148 9.99 -4.56 -29.44
N ALA B 149 9.45 -3.36 -29.24
CA ALA B 149 10.27 -2.25 -28.78
C ALA B 149 10.78 -2.48 -27.37
N LEU B 150 9.94 -3.02 -26.49
CA LEU B 150 10.39 -3.35 -25.14
C LEU B 150 11.49 -4.41 -25.18
N ALA B 151 11.34 -5.43 -26.03
CA ALA B 151 12.38 -6.44 -26.16
C ALA B 151 13.69 -5.80 -26.56
N ASP B 152 13.64 -4.76 -27.40
CA ASP B 152 14.88 -4.11 -27.84
C ASP B 152 15.54 -3.36 -26.69
N ILE B 153 14.74 -2.65 -25.89
CA ILE B 153 15.26 -2.01 -24.69
C ILE B 153 15.86 -3.05 -23.76
N TRP B 154 15.15 -4.16 -23.56
CA TRP B 154 15.54 -5.14 -22.54
C TRP B 154 16.83 -5.85 -22.93
N ARG B 155 17.01 -6.11 -24.22
CA ARG B 155 18.27 -6.69 -24.69
C ARG B 155 19.45 -5.82 -24.30
N ARG B 156 19.32 -4.50 -24.42
CA ARG B 156 20.43 -3.62 -24.10
C ARG B 156 20.61 -3.48 -22.58
N ILE B 157 19.52 -3.28 -21.84
CA ILE B 157 19.65 -3.16 -20.39
C ILE B 157 20.12 -4.47 -19.80
N GLY B 158 19.51 -5.58 -20.23
CA GLY B 158 19.79 -6.87 -19.63
C GLY B 158 21.26 -7.24 -19.66
N ASP B 159 21.98 -6.78 -20.68
CA ASP B 159 23.39 -7.11 -20.79
C ASP B 159 24.24 -6.42 -19.75
N GLY B 160 23.73 -5.36 -19.12
CA GLY B 160 24.56 -4.58 -18.21
C GLY B 160 24.15 -4.67 -16.76
N CYS B 161 23.62 -5.80 -16.32
N CYS B 161 23.55 -5.78 -16.35
CA CYS B 161 23.07 -5.90 -14.98
CA CYS B 161 23.00 -5.92 -15.01
C CYS B 161 23.06 -7.35 -14.54
C CYS B 161 23.14 -7.37 -14.55
N PRO B 162 23.19 -7.61 -13.24
CA PRO B 162 23.13 -8.99 -12.74
C PRO B 162 21.70 -9.48 -12.59
N GLY B 163 21.58 -10.80 -12.42
CA GLY B 163 20.28 -11.42 -12.36
C GLY B 163 19.41 -10.89 -11.24
N PHE B 164 19.99 -10.71 -10.04
CA PHE B 164 19.15 -10.27 -8.93
C PHE B 164 18.55 -8.90 -9.19
N TRP B 165 19.25 -8.04 -9.94
CA TRP B 165 18.67 -6.76 -10.29
C TRP B 165 17.57 -6.91 -11.35
N ARG B 166 17.78 -7.81 -12.32
CA ARG B 166 16.73 -8.03 -13.31
C ARG B 166 15.45 -8.53 -12.64
N ARG B 167 15.56 -9.46 -11.70
CA ARG B 167 14.38 -9.93 -10.99
C ARG B 167 13.73 -8.79 -10.21
N ARG B 168 14.54 -7.89 -9.65
CA ARG B 168 14.02 -6.75 -8.91
C ARG B 168 13.20 -5.83 -9.82
N LEU B 169 13.75 -5.47 -10.97
CA LEU B 169 13.00 -4.63 -11.91
C LEU B 169 11.71 -5.32 -12.35
N ILE B 170 11.79 -6.61 -12.68
CA ILE B 170 10.61 -7.34 -13.15
C ILE B 170 9.52 -7.34 -12.08
N ARG B 171 9.89 -7.54 -10.82
CA ARG B 171 8.90 -7.48 -9.75
C ARG B 171 8.24 -6.11 -9.69
N HIS B 172 9.03 -5.05 -9.83
CA HIS B 172 8.46 -3.70 -9.82
C HIS B 172 7.53 -3.49 -11.01
N VAL B 173 7.83 -4.12 -12.15
CA VAL B 173 6.93 -4.08 -13.29
C VAL B 173 5.64 -4.82 -12.97
N GLU B 174 5.77 -6.02 -12.40
CA GLU B 174 4.59 -6.79 -11.98
C GLU B 174 3.77 -6.00 -10.96
N ASN B 175 4.44 -5.28 -10.05
CA ASN B 175 3.73 -4.41 -9.13
C ASN B 175 2.92 -3.36 -9.88
N TYR B 176 3.56 -2.71 -10.86
CA TYR B 176 2.88 -1.71 -11.68
C TYR B 176 1.69 -2.30 -12.43
N ILE B 177 1.82 -3.51 -12.95
CA ILE B 177 0.71 -4.13 -13.68
C ILE B 177 -0.47 -4.32 -12.73
N ASP B 178 -0.21 -4.88 -11.55
CA ASP B 178 -1.27 -5.02 -10.56
C ASP B 178 -1.92 -3.67 -10.27
N GLY B 179 -1.10 -2.62 -10.11
CA GLY B 179 -1.66 -1.31 -9.85
C GLY B 179 -2.53 -0.82 -10.99
N CYS B 180 -2.11 -1.09 -12.23
CA CYS B 180 -2.90 -0.66 -13.39
C CYS B 180 -4.21 -1.43 -13.50
N VAL B 181 -4.18 -2.72 -13.19
CA VAL B 181 -5.42 -3.50 -13.25
C VAL B 181 -6.37 -3.02 -12.18
N TRP B 182 -5.84 -2.64 -11.02
CA TRP B 182 -6.68 -2.07 -9.96
C TRP B 182 -7.31 -0.76 -10.40
N GLU B 183 -6.53 0.10 -11.06
CA GLU B 183 -7.11 1.33 -11.61
C GLU B 183 -8.25 0.99 -12.57
N ALA B 184 -8.03 0.01 -13.44
CA ALA B 184 -9.07 -0.41 -14.37
C ALA B 184 -10.31 -0.90 -13.64
N GLN B 185 -10.13 -1.59 -12.51
CA GLN B 185 -11.29 -2.03 -11.73
C GLN B 185 -12.04 -0.83 -11.15
N ASN B 186 -11.31 0.17 -10.66
CA ASN B 186 -11.97 1.37 -10.16
C ASN B 186 -12.82 2.01 -11.26
N ARG B 187 -12.28 2.09 -12.47
CA ARG B 187 -13.04 2.69 -13.55
C ARG B 187 -14.25 1.85 -13.90
N GLN B 188 -14.10 0.52 -13.92
CA GLN B 188 -15.24 -0.33 -14.17
C GLN B 188 -16.34 -0.14 -13.13
N LEU B 189 -15.94 0.06 -11.88
CA LEU B 189 -16.91 0.27 -10.81
C LEU B 189 -17.28 1.73 -10.62
N ASP B 190 -16.76 2.64 -11.46
CA ASP B 190 -17.11 4.06 -11.37
C ASP B 190 -16.79 4.60 -9.98
N ARG B 191 -15.61 4.24 -9.49
N ARG B 191 -15.60 4.27 -9.49
CA ARG B 191 -15.20 4.43 -8.11
CA ARG B 191 -15.24 4.44 -8.08
C ARG B 191 -14.04 5.41 -8.03
C ARG B 191 -14.01 5.31 -7.95
N VAL B 192 -14.05 6.25 -7.01
CA VAL B 192 -12.88 7.03 -6.61
C VAL B 192 -12.27 6.31 -5.40
N PRO B 193 -11.03 5.84 -5.48
CA PRO B 193 -10.49 5.06 -4.36
C PRO B 193 -10.29 5.93 -3.12
N SER B 194 -10.37 5.29 -1.95
CA SER B 194 -10.06 5.98 -0.71
C SER B 194 -8.59 6.38 -0.68
N ARG B 195 -8.28 7.42 0.10
CA ARG B 195 -6.97 8.04 -0.03
C ARG B 195 -5.84 7.09 0.39
N ALA B 196 -5.95 6.46 1.55
CA ALA B 196 -4.86 5.61 2.02
C ALA B 196 -4.56 4.50 1.01
N VAL B 197 -5.61 3.93 0.41
CA VAL B 197 -5.39 2.87 -0.56
C VAL B 197 -4.80 3.43 -1.84
N PHE B 198 -5.30 4.59 -2.28
CA PHE B 198 -4.71 5.21 -3.46
C PHE B 198 -3.23 5.51 -3.25
N GLU B 199 -2.88 6.08 -2.10
CA GLU B 199 -1.49 6.45 -1.87
C GLU B 199 -0.58 5.23 -1.92
N GLY B 200 -1.03 4.12 -1.34
CA GLY B 200 -0.26 2.89 -1.44
C GLY B 200 -0.15 2.40 -2.87
N MET B 201 -1.26 2.37 -3.59
CA MET B 201 -1.23 1.80 -4.94
C MET B 201 -0.50 2.72 -5.89
N ARG B 202 -0.56 4.03 -5.65
CA ARG B 202 0.15 5.00 -6.47
C ARG B 202 1.64 4.74 -6.48
N MET B 203 2.18 4.13 -5.43
CA MET B 203 3.60 3.85 -5.42
C MET B 203 3.96 2.84 -6.51
N HIS B 204 2.99 2.03 -6.90
CA HIS B 204 3.17 1.05 -7.96
C HIS B 204 2.83 1.60 -9.33
N THR B 205 1.72 2.32 -9.45
CA THR B 205 1.33 2.85 -10.75
C THR B 205 2.27 3.93 -11.23
N SER B 206 2.99 4.59 -10.32
CA SER B 206 3.87 5.69 -10.71
C SER B 206 5.10 5.20 -11.47
N THR B 207 5.48 3.92 -11.29
CA THR B 207 6.69 3.27 -11.76
C THR B 207 7.97 3.84 -11.16
N MET B 208 7.89 4.75 -10.19
CA MET B 208 9.12 5.31 -9.64
C MET B 208 10.04 4.26 -9.04
N TYR B 209 9.51 3.15 -8.52
CA TYR B 209 10.42 2.13 -8.03
C TYR B 209 11.29 1.60 -9.16
N GLU B 210 10.75 1.51 -10.38
CA GLU B 210 11.57 1.11 -11.52
C GLU B 210 12.67 2.11 -11.78
N PHE B 211 12.38 3.39 -11.64
CA PHE B 211 13.36 4.41 -11.92
C PHE B 211 14.38 4.55 -10.80
N TRP B 212 14.06 4.12 -9.58
CA TRP B 212 15.12 3.92 -8.61
C TRP B 212 16.01 2.74 -9.01
N ASP B 213 15.40 1.61 -9.40
CA ASP B 213 16.19 0.50 -9.95
C ASP B 213 17.17 1.01 -11.01
N PHE B 214 16.71 1.90 -11.90
CA PHE B 214 17.58 2.36 -12.98
C PHE B 214 18.74 3.20 -12.47
N ILE B 215 18.64 3.78 -11.27
CA ILE B 215 19.80 4.46 -10.69
C ILE B 215 20.98 3.51 -10.59
N GLU B 216 20.71 2.27 -10.14
CA GLU B 216 21.77 1.26 -10.08
C GLU B 216 22.29 0.96 -11.47
N TYR B 217 21.39 0.71 -12.42
CA TYR B 217 21.81 0.37 -13.77
C TYR B 217 22.63 1.50 -14.38
N ALA B 218 22.15 2.74 -14.26
CA ALA B 218 22.82 3.87 -14.90
C ALA B 218 24.21 4.11 -14.33
N GLY B 219 24.41 3.85 -13.05
CA GLY B 219 25.72 4.01 -12.44
C GLY B 219 26.57 2.76 -12.47
N ASP B 220 25.99 1.65 -12.91
CA ASP B 220 26.66 0.36 -12.90
C ASP B 220 27.15 0.03 -11.49
N LEU B 221 26.28 0.33 -10.51
CA LEU B 221 26.58 0.10 -9.09
C LEU B 221 25.32 -0.48 -8.46
N PHE B 222 25.34 -1.79 -8.19
CA PHE B 222 24.14 -2.52 -7.83
C PHE B 222 24.13 -2.83 -6.34
N LEU B 223 22.98 -2.67 -5.74
CA LEU B 223 22.77 -2.90 -4.32
C LEU B 223 22.14 -4.26 -4.09
N PRO B 224 22.64 -5.03 -3.12
CA PRO B 224 22.02 -6.32 -2.82
C PRO B 224 20.62 -6.15 -2.25
N ASP B 225 19.85 -7.25 -2.32
CA ASP B 225 18.48 -7.23 -1.81
C ASP B 225 18.45 -6.79 -0.35
N GLU B 226 19.41 -7.27 0.45
CA GLU B 226 19.41 -6.95 1.88
C GLU B 226 19.42 -5.45 2.14
N VAL B 227 19.87 -4.66 1.17
CA VAL B 227 19.97 -3.22 1.34
C VAL B 227 18.67 -2.55 0.90
N VAL B 228 18.25 -2.79 -0.33
CA VAL B 228 17.05 -2.07 -0.79
C VAL B 228 15.81 -2.59 -0.08
N GLU B 229 15.84 -3.84 0.38
CA GLU B 229 14.71 -4.40 1.13
C GLU B 229 14.77 -4.10 2.62
N HIS B 230 15.89 -3.59 3.14
CA HIS B 230 15.92 -3.17 4.54
C HIS B 230 14.77 -2.21 4.79
N PRO B 231 13.98 -2.40 5.85
CA PRO B 231 12.77 -1.57 5.99
C PRO B 231 13.06 -0.07 6.03
N LEU B 232 14.20 0.36 6.56
CA LEU B 232 14.48 1.79 6.58
C LEU B 232 14.76 2.30 5.17
N VAL B 233 15.56 1.56 4.40
CA VAL B 233 15.81 1.95 3.02
C VAL B 233 14.53 1.87 2.20
N ALA B 234 13.72 0.83 2.43
CA ALA B 234 12.44 0.73 1.73
C ALA B 234 11.57 1.95 2.00
N GLU B 235 11.61 2.47 3.22
CA GLU B 235 10.80 3.65 3.53
C GLU B 235 11.40 4.90 2.89
N VAL B 236 12.72 4.97 2.74
CA VAL B 236 13.34 6.05 1.98
C VAL B 236 12.86 6.01 0.53
N ARG B 237 12.93 4.82 -0.08
CA ARG B 237 12.47 4.63 -1.45
C ARG B 237 11.00 5.00 -1.60
N ARG B 238 10.15 4.58 -0.67
CA ARG B 238 8.74 4.93 -0.74
C ARG B 238 8.54 6.43 -0.62
N ALA B 239 9.23 7.06 0.33
CA ALA B 239 9.07 8.50 0.52
C ALA B 239 9.46 9.26 -0.74
N GLY B 240 10.57 8.87 -1.37
CA GLY B 240 10.97 9.53 -2.61
C GLY B 240 9.96 9.31 -3.71
N ASN B 241 9.42 8.08 -3.79
CA ASN B 241 8.35 7.76 -4.72
C ASN B 241 7.15 8.68 -4.48
N ALA B 242 6.72 8.80 -3.23
CA ALA B 242 5.58 9.64 -2.90
C ALA B 242 5.84 11.09 -3.26
N ILE B 243 7.06 11.58 -2.98
CA ILE B 243 7.38 12.97 -3.33
C ILE B 243 7.20 13.18 -4.83
N ALA B 244 7.83 12.34 -5.64
CA ALA B 244 7.76 12.49 -7.09
C ALA B 244 6.35 12.26 -7.60
N SER B 245 5.66 11.23 -7.11
CA SER B 245 4.34 10.90 -7.62
C SER B 245 3.31 11.94 -7.23
N PHE B 246 3.32 12.39 -5.97
CA PHE B 246 2.35 13.39 -5.56
C PHE B 246 2.61 14.73 -6.23
N ALA B 247 3.89 15.07 -6.48
CA ALA B 247 4.16 16.24 -7.30
C ALA B 247 3.58 16.08 -8.69
N ASN B 248 3.77 14.90 -9.28
CA ASN B 248 3.16 14.62 -10.57
C ASN B 248 1.64 14.82 -10.52
N ASP B 249 1.00 14.26 -9.49
CA ASP B 249 -0.44 14.39 -9.36
C ASP B 249 -0.85 15.86 -9.36
N ILE B 250 -0.16 16.67 -8.56
CA ILE B 250 -0.49 18.10 -8.47
C ILE B 250 -0.36 18.76 -9.82
N TYR B 251 0.71 18.45 -10.56
CA TYR B 251 0.95 19.12 -11.83
C TYR B 251 0.20 18.46 -12.98
N SER B 252 -0.08 17.16 -12.90
CA SER B 252 -0.84 16.45 -13.94
C SER B 252 -2.34 16.42 -13.67
N LEU B 253 -2.84 17.25 -12.75
CA LEU B 253 -4.27 17.19 -12.41
C LEU B 253 -5.14 17.66 -13.56
N ARG B 254 -4.78 18.79 -14.19
CA ARG B 254 -5.63 19.33 -15.24
C ARG B 254 -5.83 18.32 -16.36
N LYS B 255 -4.74 17.67 -16.78
CA LYS B 255 -4.80 16.71 -17.87
C LYS B 255 -5.66 15.51 -17.50
N GLU B 256 -5.47 14.98 -16.29
CA GLU B 256 -6.18 13.77 -15.90
C GLU B 256 -7.67 14.03 -15.70
N THR B 257 -8.03 15.21 -15.19
CA THR B 257 -9.44 15.53 -15.04
C THR B 257 -10.10 15.80 -16.38
N SER B 258 -9.38 16.45 -17.30
CA SER B 258 -9.87 16.56 -18.67
C SER B 258 -10.13 15.17 -19.26
N ASN B 259 -9.34 14.19 -18.83
CA ASN B 259 -9.44 12.82 -19.28
C ASN B 259 -10.44 12.00 -18.48
N ARG B 260 -11.13 12.62 -17.53
CA ARG B 260 -12.16 11.95 -16.71
C ARG B 260 -11.57 10.84 -15.85
N ASP B 261 -10.29 10.97 -15.48
CA ASP B 261 -9.61 10.01 -14.63
C ASP B 261 -9.62 10.49 -13.19
N VAL B 262 -9.58 9.54 -12.25
CA VAL B 262 -9.72 9.83 -10.83
C VAL B 262 -8.47 9.50 -10.03
N HIS B 263 -7.43 8.97 -10.67
CA HIS B 263 -6.28 8.43 -9.94
C HIS B 263 -5.25 9.55 -9.77
N ASN B 264 -5.60 10.47 -8.89
CA ASN B 264 -4.83 11.68 -8.65
C ASN B 264 -5.12 12.09 -7.22
N LEU B 265 -4.05 12.28 -6.43
CA LEU B 265 -4.21 12.63 -5.02
C LEU B 265 -5.22 13.75 -4.81
N VAL B 266 -5.20 14.76 -5.67
CA VAL B 266 -6.09 15.91 -5.48
C VAL B 266 -7.55 15.49 -5.63
N VAL B 267 -7.87 14.74 -6.68
CA VAL B 267 -9.24 14.26 -6.85
C VAL B 267 -9.63 13.35 -5.70
N VAL B 268 -8.73 12.46 -5.30
CA VAL B 268 -8.98 11.54 -4.20
C VAL B 268 -9.25 12.32 -2.91
N LEU B 269 -8.51 13.39 -2.66
CA LEU B 269 -8.75 14.19 -1.46
C LEU B 269 -10.10 14.90 -1.52
N MET B 270 -10.47 15.44 -2.68
CA MET B 270 -11.78 16.10 -2.80
C MET B 270 -12.91 15.14 -2.43
N HIS B 271 -12.85 13.91 -2.95
CA HIS B 271 -13.91 12.95 -2.69
C HIS B 271 -13.92 12.49 -1.25
N GLU B 272 -12.75 12.17 -0.69
CA GLU B 272 -12.72 11.60 0.65
C GLU B 272 -13.06 12.64 1.71
N GLU B 273 -12.48 13.84 1.59
CA GLU B 273 -12.62 14.89 2.60
C GLU B 273 -13.76 15.85 2.30
N ARG B 274 -14.45 15.70 1.17
CA ARG B 274 -15.60 16.53 0.83
C ARG B 274 -15.20 18.00 0.75
N ILE B 275 -14.09 18.26 0.05
CA ILE B 275 -13.54 19.61 -0.06
C ILE B 275 -13.45 19.99 -1.54
N GLU B 276 -13.27 21.29 -1.77
CA GLU B 276 -13.20 21.82 -3.12
C GLU B 276 -11.77 21.80 -3.63
N LEU B 277 -11.63 22.14 -4.92
CA LEU B 277 -10.39 21.91 -5.64
C LEU B 277 -9.20 22.62 -4.98
N GLU B 278 -9.32 23.93 -4.75
CA GLU B 278 -8.16 24.66 -4.23
C GLU B 278 -7.76 24.14 -2.86
N ALA B 279 -8.74 23.91 -1.98
CA ALA B 279 -8.45 23.32 -0.68
C ALA B 279 -7.76 21.97 -0.83
N ALA B 280 -8.15 21.19 -1.84
CA ALA B 280 -7.54 19.88 -2.04
C ALA B 280 -6.11 20.02 -2.55
N TYR B 281 -5.87 20.99 -3.43
CA TYR B 281 -4.50 21.29 -3.85
C TYR B 281 -3.63 21.56 -2.63
N ALA B 282 -4.13 22.37 -1.70
CA ALA B 282 -3.36 22.71 -0.51
C ALA B 282 -3.11 21.48 0.36
N ARG B 283 -4.12 20.63 0.52
CA ARG B 283 -3.91 19.39 1.27
C ARG B 283 -2.88 18.50 0.58
N ALA B 284 -2.97 18.39 -0.75
CA ALA B 284 -2.00 17.57 -1.47
C ALA B 284 -0.59 18.13 -1.32
N ALA B 285 -0.45 19.46 -1.37
CA ALA B 285 0.86 20.05 -1.18
C ALA B 285 1.40 19.77 0.21
N GLY B 286 0.55 19.89 1.24
CA GLY B 286 0.96 19.55 2.59
C GLY B 286 1.44 18.12 2.71
N ILE B 287 0.74 17.19 2.08
CA ILE B 287 1.13 15.78 2.12
C ILE B 287 2.47 15.62 1.40
N HIS B 288 2.61 16.23 0.23
CA HIS B 288 3.88 16.21 -0.48
C HIS B 288 5.00 16.73 0.42
N ASP B 289 4.80 17.90 1.01
CA ASP B 289 5.87 18.53 1.80
C ASP B 289 6.22 17.70 3.03
N ALA B 290 5.24 17.07 3.66
CA ALA B 290 5.55 16.22 4.80
C ALA B 290 6.40 15.02 4.38
N GLN B 291 6.18 14.49 3.18
CA GLN B 291 7.02 13.40 2.69
C GLN B 291 8.44 13.90 2.41
N VAL B 292 8.58 15.13 1.93
CA VAL B 292 9.91 15.71 1.73
C VAL B 292 10.65 15.79 3.06
N GLU B 293 10.00 16.38 4.07
CA GLU B 293 10.63 16.49 5.39
C GLU B 293 11.00 15.11 5.92
N HIS B 294 10.10 14.14 5.74
CA HIS B 294 10.32 12.77 6.20
C HIS B 294 11.54 12.15 5.50
N PHE B 295 11.59 12.28 4.17
CA PHE B 295 12.75 11.79 3.42
C PHE B 295 14.04 12.34 4.01
N LEU B 296 14.12 13.67 4.16
CA LEU B 296 15.35 14.30 4.61
C LEU B 296 15.77 13.80 5.99
N ASP B 297 14.80 13.59 6.89
CA ASP B 297 15.12 13.02 8.19
C ASP B 297 15.67 11.60 8.05
N LEU B 298 14.98 10.77 7.28
CA LEU B 298 15.34 9.35 7.20
C LEU B 298 16.76 9.16 6.70
N VAL B 299 17.17 9.94 5.68
CA VAL B 299 18.46 9.70 5.04
C VAL B 299 19.63 10.07 5.93
N LYS B 300 19.35 10.71 7.08
CA LYS B 300 20.39 10.96 8.08
C LYS B 300 20.66 9.75 8.97
N HIS B 301 19.86 8.69 8.86
CA HIS B 301 19.90 7.55 9.76
C HIS B 301 19.91 6.25 8.97
N LEU B 302 20.64 6.22 7.87
CA LEU B 302 20.67 5.03 7.04
C LEU B 302 21.39 3.90 7.77
N PRO B 303 20.89 2.67 7.67
CA PRO B 303 21.62 1.53 8.23
C PRO B 303 22.96 1.34 7.52
N THR B 304 23.87 0.65 8.19
CA THR B 304 25.21 0.43 7.68
C THR B 304 25.43 -1.05 7.40
N PHE B 305 26.23 -1.32 6.38
CA PHE B 305 26.41 -2.69 5.88
C PHE B 305 27.88 -3.02 5.73
N SER B 306 28.61 -2.18 4.99
CA SER B 306 30.02 -2.36 4.69
C SER B 306 30.48 -1.09 3.98
N ALA B 307 31.79 -0.82 4.07
CA ALA B 307 32.33 0.39 3.47
C ALA B 307 31.88 0.54 2.02
N THR B 308 31.95 -0.55 1.26
CA THR B 308 31.61 -0.49 -0.16
C THR B 308 30.11 -0.31 -0.37
N ILE B 309 29.30 -1.10 0.34
CA ILE B 309 27.86 -0.99 0.18
C ILE B 309 27.35 0.36 0.67
N ASP B 310 27.88 0.84 1.80
CA ASP B 310 27.44 2.13 2.32
C ASP B 310 27.67 3.24 1.30
N ARG B 311 28.80 3.18 0.57
CA ARG B 311 29.11 4.19 -0.43
C ARG B 311 28.17 4.08 -1.63
N ASN B 312 27.87 2.85 -2.06
CA ASN B 312 26.92 2.66 -3.16
C ASN B 312 25.53 3.12 -2.75
N LEU B 313 25.15 2.86 -1.50
CA LEU B 313 23.84 3.30 -1.02
C LEU B 313 23.77 4.82 -0.97
N ALA B 314 24.87 5.47 -0.59
CA ALA B 314 24.88 6.92 -0.57
C ALA B 314 24.73 7.50 -1.97
N ARG B 315 25.34 6.86 -2.97
CA ARG B 315 25.16 7.31 -4.35
C ARG B 315 23.74 7.06 -4.83
N TYR B 316 23.16 5.93 -4.43
CA TYR B 316 21.77 5.61 -4.76
C TYR B 316 20.82 6.66 -4.21
N VAL B 317 20.98 7.00 -2.93
CA VAL B 317 20.11 8.01 -2.32
C VAL B 317 20.32 9.35 -3.00
N GLU B 318 21.57 9.70 -3.31
CA GLU B 318 21.83 10.93 -4.06
C GLU B 318 21.12 10.89 -5.41
N GLY B 319 21.12 9.73 -6.07
CA GLY B 319 20.37 9.59 -7.30
C GLY B 319 18.89 9.86 -7.13
N ILE B 320 18.32 9.47 -6.00
CA ILE B 320 16.92 9.77 -5.76
C ILE B 320 16.72 11.28 -5.60
N ARG B 321 17.64 11.93 -4.88
CA ARG B 321 17.56 13.38 -4.73
C ARG B 321 17.62 14.08 -6.08
N ILE B 322 18.53 13.64 -6.96
CA ILE B 322 18.65 14.24 -8.28
C ILE B 322 17.36 14.04 -9.06
N TRP B 323 16.81 12.83 -9.01
CA TRP B 323 15.59 12.53 -9.75
C TRP B 323 14.46 13.42 -9.30
N ILE B 324 14.31 13.58 -7.98
CA ILE B 324 13.21 14.37 -7.43
C ILE B 324 13.27 15.79 -7.94
N ARG B 325 14.43 16.43 -7.84
CA ARG B 325 14.55 17.80 -8.31
C ARG B 325 14.30 17.89 -9.82
N ALA B 326 14.92 16.97 -10.58
CA ALA B 326 14.71 16.93 -12.02
C ALA B 326 13.22 16.78 -12.35
N ASN B 327 12.54 15.87 -11.66
CA ASN B 327 11.10 15.69 -11.90
C ASN B 327 10.34 16.96 -11.54
N HIS B 328 10.71 17.61 -10.44
CA HIS B 328 10.01 18.82 -10.02
C HIS B 328 10.11 19.89 -11.11
N ASP B 329 11.32 20.22 -11.53
CA ASP B 329 11.50 21.28 -12.52
C ASP B 329 10.82 20.94 -13.83
N TRP B 330 10.92 19.67 -14.25
CA TRP B 330 10.34 19.24 -15.52
C TRP B 330 8.82 19.31 -15.49
N SER B 331 8.20 18.89 -14.39
CA SER B 331 6.75 18.86 -14.31
C SER B 331 6.15 20.25 -14.50
N ILE B 332 6.88 21.29 -14.10
CA ILE B 332 6.38 22.65 -14.17
C ILE B 332 6.32 23.13 -15.62
N VAL B 333 7.20 22.64 -16.48
CA VAL B 333 7.32 23.15 -17.84
C VAL B 333 6.96 22.14 -18.91
N THR B 334 6.91 20.84 -18.62
CA THR B 334 6.73 19.87 -19.68
C THR B 334 5.42 20.14 -20.41
N PRO B 335 5.41 20.10 -21.74
CA PRO B 335 4.14 20.25 -22.47
C PRO B 335 3.16 19.11 -22.20
N ARG B 336 3.65 17.98 -21.68
CA ARG B 336 2.74 16.89 -21.33
C ARG B 336 1.66 17.34 -20.35
N TYR B 337 1.98 18.28 -19.46
CA TYR B 337 1.04 18.75 -18.46
C TYR B 337 0.58 20.18 -18.69
N ASN B 338 1.21 20.90 -19.61
CA ASN B 338 1.17 22.35 -19.60
C ASN B 338 0.71 22.92 -20.94
#